data_2CY0
#
_entry.id   2CY0
#
_cell.length_a   62.078
_cell.length_b   72.020
_cell.length_c   113.407
_cell.angle_alpha   90.00
_cell.angle_beta   90.00
_cell.angle_gamma   90.00
#
_symmetry.space_group_name_H-M   'P 21 21 21'
#
loop_
_entity.id
_entity.type
_entity.pdbx_description
1 polymer 'shikimate 5-dehydrogenase'
2 non-polymer 'SULFATE ION'
3 non-polymer 'NADP NICOTINAMIDE-ADENINE-DINUCLEOTIDE PHOSPHATE'
4 water water
#
_entity_poly.entity_id   1
_entity_poly.type   'polypeptide(L)'
_entity_poly.pdbx_seq_one_letter_code
;MLRFAVLGHPVAHSLSPAMHAFALESLGLEGSYEAWDTPLEALPGRLKEVRRAFRGVNLTLPLKEAALAHLDWVSPEAQR
IGAVNTVLQVEGRLFGFNTDAPGFLEALKAGGIPLKGPALVLGAGGAGRAVAFALREAGLEVWVWNRTPQRALALAEEFG
LRAVPLEKAREARLLVNATRVGLEDPSASPLPAELFPEEGAAVDLVYRPLWTRFLREAKAKGLKVQTGLPMLAWQGALAF
RLWTGLLPDPSGMEEAARRALGV
;
_entity_poly.pdbx_strand_id   A,B
#
# COMPACT_ATOMS: atom_id res chain seq x y z
N MET A 1 8.21 -5.82 12.74
CA MET A 1 7.48 -5.28 11.60
C MET A 1 6.12 -4.73 12.02
N LEU A 2 5.51 -3.95 11.11
CA LEU A 2 4.19 -3.39 11.40
C LEU A 2 4.22 -2.34 12.52
N ARG A 3 4.76 -1.17 12.15
CA ARG A 3 4.75 -0.04 13.07
C ARG A 3 3.62 0.92 12.75
N PHE A 4 2.58 1.09 13.54
CA PHE A 4 1.49 1.98 13.19
C PHE A 4 1.35 3.09 14.22
N ALA A 5 0.50 4.06 13.93
CA ALA A 5 0.29 5.17 14.85
C ALA A 5 -0.77 6.16 14.39
N VAL A 6 -1.37 6.86 15.35
CA VAL A 6 -2.36 7.87 15.02
C VAL A 6 -1.72 9.24 15.26
N LEU A 7 -1.78 10.09 14.24
CA LEU A 7 -1.19 11.43 14.32
C LEU A 7 -2.26 12.50 14.36
N GLY A 8 -2.16 13.36 15.37
CA GLY A 8 -3.11 14.44 15.50
C GLY A 8 -2.90 15.13 16.82
N HIS A 9 -3.54 16.27 16.97
CA HIS A 9 -3.45 16.94 18.25
C HIS A 9 -4.79 17.57 18.60
N PRO A 10 -5.33 17.11 19.72
CA PRO A 10 -4.70 16.10 20.59
C PRO A 10 -5.03 14.66 20.23
N VAL A 11 -4.33 13.73 20.88
CA VAL A 11 -4.52 12.29 20.66
C VAL A 11 -4.26 11.53 21.95
N ALA A 12 -3.96 12.28 23.01
CA ALA A 12 -3.66 11.71 24.33
C ALA A 12 -4.57 10.59 24.78
N HIS A 13 -5.85 10.65 24.42
CA HIS A 13 -6.79 9.62 24.84
C HIS A 13 -7.43 8.85 23.68
N SER A 14 -6.74 8.81 22.55
CA SER A 14 -7.27 8.09 21.39
C SER A 14 -7.55 6.64 21.80
N LEU A 15 -8.55 6.03 21.20
CA LEU A 15 -8.88 4.64 21.51
C LEU A 15 -8.31 3.70 20.44
N SER A 16 -7.67 4.28 19.44
CA SER A 16 -7.09 3.50 18.36
C SER A 16 -6.00 2.53 18.86
N PRO A 17 -5.05 3.03 19.67
CA PRO A 17 -3.99 2.15 20.19
C PRO A 17 -4.56 0.87 20.79
N ALA A 18 -5.63 0.99 21.55
CA ALA A 18 -6.27 -0.16 22.17
C ALA A 18 -6.94 -1.05 21.11
N MET A 19 -7.65 -0.43 20.16
CA MET A 19 -8.31 -1.20 19.12
C MET A 19 -7.30 -1.97 18.28
N HIS A 20 -6.26 -1.28 17.84
CA HIS A 20 -5.26 -1.91 16.98
C HIS A 20 -4.35 -2.91 17.69
N ALA A 21 -4.16 -2.72 18.99
CA ALA A 21 -3.36 -3.66 19.76
C ALA A 21 -4.15 -4.95 19.64
N PHE A 22 -5.47 -4.86 19.79
CA PHE A 22 -6.33 -6.03 19.69
C PHE A 22 -6.32 -6.64 18.29
N ALA A 23 -6.30 -5.79 17.27
CA ALA A 23 -6.27 -6.27 15.88
C ALA A 23 -5.03 -7.13 15.65
N LEU A 24 -3.88 -6.60 16.02
CA LEU A 24 -2.62 -7.32 15.85
C LEU A 24 -2.67 -8.66 16.58
N GLU A 25 -3.00 -8.61 17.87
CA GLU A 25 -3.08 -9.80 18.70
C GLU A 25 -4.03 -10.82 18.08
N SER A 26 -5.26 -10.39 17.80
CA SER A 26 -6.28 -11.26 17.23
C SER A 26 -5.85 -11.96 15.94
N LEU A 27 -5.00 -11.31 15.17
CA LEU A 27 -4.55 -11.88 13.91
C LEU A 27 -3.19 -12.59 14.04
N GLY A 28 -2.70 -12.68 15.27
CA GLY A 28 -1.42 -13.34 15.49
C GLY A 28 -0.25 -12.64 14.84
N LEU A 29 -0.31 -11.32 14.81
CA LEU A 29 0.75 -10.52 14.20
C LEU A 29 1.52 -9.76 15.28
N GLU A 30 2.80 -9.50 15.03
CA GLU A 30 3.61 -8.75 15.98
C GLU A 30 3.67 -7.32 15.47
N GLY A 31 3.57 -6.36 16.38
CA GLY A 31 3.61 -4.97 15.96
C GLY A 31 3.13 -4.03 17.03
N SER A 32 3.06 -2.74 16.70
CA SER A 32 2.63 -1.74 17.65
C SER A 32 1.85 -0.61 16.99
N TYR A 33 0.97 0.01 17.75
CA TYR A 33 0.16 1.13 17.28
C TYR A 33 0.23 2.06 18.48
N GLU A 34 0.92 3.19 18.32
CA GLU A 34 1.18 4.19 19.35
C GLU A 34 0.54 5.54 19.06
N ALA A 35 0.15 6.24 20.14
CA ALA A 35 -0.40 7.59 20.00
C ALA A 35 0.71 8.64 19.98
N TRP A 36 0.86 9.37 18.88
CA TRP A 36 1.97 10.34 18.65
C TRP A 36 1.50 11.78 18.31
N ASP A 37 1.41 12.63 19.35
CA ASP A 37 0.93 14.02 19.17
C ASP A 37 1.63 14.74 17.99
N THR A 38 0.82 15.40 17.15
CA THR A 38 1.34 16.07 15.96
C THR A 38 0.55 17.31 15.51
N PRO A 39 1.07 18.52 15.81
CA PRO A 39 0.37 19.76 15.38
C PRO A 39 0.28 19.84 13.86
N LEU A 40 -0.60 20.70 13.35
CA LEU A 40 -0.80 20.88 11.90
C LEU A 40 0.37 21.54 11.19
N GLU A 41 1.42 21.85 11.95
CA GLU A 41 2.58 22.52 11.38
C GLU A 41 3.81 21.64 11.50
N ALA A 42 3.64 20.54 12.24
CA ALA A 42 4.70 19.58 12.45
C ALA A 42 4.38 18.36 11.61
N LEU A 43 3.44 18.53 10.69
CA LEU A 43 3.01 17.45 9.82
C LEU A 43 4.04 17.09 8.76
N PRO A 44 4.51 18.08 7.97
CA PRO A 44 5.50 17.81 6.93
C PRO A 44 6.62 16.91 7.44
N GLY A 45 7.09 17.21 8.65
CA GLY A 45 8.18 16.46 9.25
C GLY A 45 7.80 15.02 9.55
N ARG A 46 6.60 14.86 10.15
CA ARG A 46 6.13 13.52 10.50
C ARG A 46 5.84 12.69 9.26
N LEU A 47 5.27 13.26 8.18
CA LEU A 47 5.06 12.41 6.99
C LEU A 47 6.42 11.90 6.51
N LYS A 48 7.47 12.75 6.58
CA LYS A 48 8.80 12.30 6.19
C LYS A 48 9.20 11.11 7.07
N GLU A 49 9.00 11.26 8.37
CA GLU A 49 9.37 10.23 9.35
C GLU A 49 8.56 8.94 9.13
N VAL A 50 7.28 9.10 8.82
CA VAL A 50 6.40 7.94 8.58
C VAL A 50 6.98 7.15 7.42
N ARG A 51 7.45 7.88 6.42
CA ARG A 51 8.05 7.29 5.23
C ARG A 51 9.23 6.37 5.49
N ARG A 52 10.00 6.68 6.51
CA ARG A 52 11.19 5.89 6.82
C ARG A 52 10.96 4.74 7.83
N ALA A 53 9.78 4.70 8.51
CA ALA A 53 9.69 3.67 9.57
C ALA A 53 8.26 3.28 10.05
N PHE A 54 7.21 3.82 9.41
CA PHE A 54 5.86 3.33 9.71
C PHE A 54 5.16 2.71 8.49
N ARG A 55 4.54 1.55 8.64
CA ARG A 55 3.81 0.92 7.56
C ARG A 55 2.60 1.78 7.21
N GLY A 56 2.03 2.44 8.22
CA GLY A 56 0.87 3.28 7.99
C GLY A 56 0.45 4.01 9.24
N VAL A 57 -0.39 5.03 9.08
CA VAL A 57 -0.90 5.77 10.22
C VAL A 57 -2.31 6.33 9.97
N ASN A 58 -3.03 6.51 11.09
CA ASN A 58 -4.31 7.21 11.00
C ASN A 58 -4.08 8.71 11.21
N LEU A 59 -4.87 9.51 10.47
CA LEU A 59 -4.79 10.95 10.67
C LEU A 59 -6.02 11.45 11.42
N THR A 60 -5.91 12.34 12.39
CA THR A 60 -7.08 12.89 13.06
C THR A 60 -6.93 14.39 13.17
N LEU A 61 -7.92 15.03 13.78
CA LEU A 61 -7.96 16.49 13.98
C LEU A 61 -6.58 16.95 14.49
N PRO A 62 -6.02 18.02 13.89
CA PRO A 62 -6.49 18.70 12.67
C PRO A 62 -5.58 18.51 11.47
N LEU A 63 -5.15 17.27 11.25
CA LEU A 63 -4.24 16.95 10.15
C LEU A 63 -4.90 16.39 8.88
N LYS A 64 -6.08 15.80 9.03
CA LYS A 64 -6.84 15.18 7.93
C LYS A 64 -6.95 15.90 6.61
N GLU A 65 -7.17 17.20 6.67
CA GLU A 65 -7.37 17.99 5.48
C GLU A 65 -6.06 18.50 4.84
N ALA A 66 -5.07 18.78 5.66
CA ALA A 66 -3.79 19.29 5.18
C ALA A 66 -2.84 18.22 4.64
N ALA A 67 -3.08 16.97 4.97
CA ALA A 67 -2.21 15.88 4.53
C ALA A 67 -2.20 15.59 3.02
N LEU A 68 -3.27 15.95 2.32
CA LEU A 68 -3.37 15.69 0.88
C LEU A 68 -2.24 16.25 0.03
N ALA A 69 -1.90 17.51 0.22
CA ALA A 69 -0.83 18.14 -0.54
C ALA A 69 0.52 17.58 -0.09
N HIS A 70 0.47 16.42 0.55
CA HIS A 70 1.66 15.80 1.13
C HIS A 70 1.75 14.30 0.80
N LEU A 71 0.93 13.80 -0.10
CA LEU A 71 0.96 12.37 -0.37
C LEU A 71 1.23 12.18 -1.84
N ASP A 72 1.84 11.06 -2.19
CA ASP A 72 2.15 10.79 -3.57
C ASP A 72 0.89 10.45 -4.34
N TRP A 73 -0.14 10.04 -3.60
CA TRP A 73 -1.41 9.67 -4.21
C TRP A 73 -2.53 9.83 -3.18
N VAL A 74 -3.70 10.20 -3.65
CA VAL A 74 -4.88 10.37 -2.81
C VAL A 74 -6.05 9.74 -3.56
N SER A 75 -6.81 8.90 -2.88
CA SER A 75 -7.94 8.22 -3.49
C SER A 75 -8.99 9.20 -3.99
N PRO A 76 -9.77 8.79 -5.00
CA PRO A 76 -10.82 9.63 -5.57
C PRO A 76 -11.79 10.11 -4.47
N GLU A 77 -12.16 9.21 -3.57
CA GLU A 77 -13.08 9.53 -2.48
C GLU A 77 -12.45 10.49 -1.49
N ALA A 78 -11.24 10.18 -1.06
CA ALA A 78 -10.54 11.04 -0.12
C ALA A 78 -10.43 12.45 -0.69
N GLN A 79 -10.20 12.54 -2.00
CA GLN A 79 -10.08 13.84 -2.65
C GLN A 79 -11.41 14.58 -2.66
N ARG A 80 -12.49 13.87 -3.01
CA ARG A 80 -13.81 14.50 -3.03
C ARG A 80 -14.17 14.97 -1.63
N ILE A 81 -13.95 14.11 -0.64
CA ILE A 81 -14.25 14.46 0.75
C ILE A 81 -13.31 15.56 1.21
N GLY A 82 -12.11 15.56 0.63
CA GLY A 82 -11.12 16.57 0.98
C GLY A 82 -10.40 16.26 2.26
N ALA A 83 -10.47 15.02 2.73
CA ALA A 83 -9.79 14.65 3.96
C ALA A 83 -9.34 13.19 3.96
N VAL A 84 -8.13 12.98 4.46
CA VAL A 84 -7.53 11.65 4.54
C VAL A 84 -7.38 11.25 6.01
N ASN A 85 -7.83 10.05 6.36
CA ASN A 85 -7.71 9.59 7.75
C ASN A 85 -6.84 8.35 7.86
N THR A 86 -6.39 7.84 6.71
CA THR A 86 -5.57 6.64 6.70
C THR A 86 -4.47 6.78 5.65
N VAL A 87 -3.23 6.57 6.09
CA VAL A 87 -2.09 6.66 5.18
C VAL A 87 -1.34 5.34 5.15
N LEU A 88 -0.98 4.91 3.94
CA LEU A 88 -0.22 3.68 3.76
C LEU A 88 1.15 4.08 3.24
N GLN A 89 2.20 3.45 3.75
CA GLN A 89 3.57 3.75 3.30
C GLN A 89 4.21 2.53 2.68
N VAL A 90 4.64 2.66 1.43
CA VAL A 90 5.31 1.58 0.72
C VAL A 90 6.43 2.19 -0.10
N GLU A 91 7.63 1.63 0.04
CA GLU A 91 8.81 2.13 -0.67
C GLU A 91 9.00 3.62 -0.45
N GLY A 92 8.62 4.09 0.74
CA GLY A 92 8.78 5.50 1.06
C GLY A 92 7.76 6.43 0.42
N ARG A 93 6.82 5.86 -0.34
CA ARG A 93 5.78 6.65 -0.98
C ARG A 93 4.55 6.65 -0.06
N LEU A 94 3.80 7.74 -0.04
CA LEU A 94 2.62 7.85 0.81
C LEU A 94 1.31 7.93 0.04
N PHE A 95 0.37 7.05 0.39
CA PHE A 95 -0.93 7.01 -0.27
C PHE A 95 -2.03 7.31 0.75
N GLY A 96 -2.89 8.27 0.42
CA GLY A 96 -3.96 8.63 1.35
C GLY A 96 -5.33 8.08 0.98
N PHE A 97 -6.05 7.60 1.99
CA PHE A 97 -7.40 7.05 1.79
C PHE A 97 -8.32 7.62 2.87
N ASN A 98 -9.62 7.37 2.73
CA ASN A 98 -10.56 7.82 3.75
C ASN A 98 -11.42 6.61 4.12
N THR A 99 -11.21 6.07 5.33
CA THR A 99 -11.99 4.93 5.78
C THR A 99 -13.18 5.36 6.65
N ASP A 100 -13.32 6.66 6.87
CA ASP A 100 -14.45 7.15 7.66
C ASP A 100 -15.74 6.94 6.88
N ALA A 101 -15.74 7.31 5.60
CA ALA A 101 -16.93 7.16 4.76
C ALA A 101 -17.39 5.71 4.69
N PRO A 102 -16.54 4.80 4.18
CA PRO A 102 -17.00 3.41 4.12
C PRO A 102 -17.23 2.78 5.50
N GLY A 103 -16.47 3.23 6.49
CA GLY A 103 -16.62 2.70 7.84
C GLY A 103 -17.98 3.02 8.41
N PHE A 104 -18.42 4.25 8.18
CA PHE A 104 -19.73 4.67 8.66
C PHE A 104 -20.84 3.77 8.09
N LEU A 105 -20.76 3.47 6.80
CA LEU A 105 -21.79 2.64 6.17
C LEU A 105 -21.76 1.21 6.72
N GLU A 106 -20.57 0.67 6.95
CA GLU A 106 -20.47 -0.69 7.49
C GLU A 106 -21.01 -0.71 8.91
N ALA A 107 -20.77 0.37 9.66
CA ALA A 107 -21.25 0.45 11.05
C ALA A 107 -22.77 0.44 11.08
N LEU A 108 -23.40 1.18 10.18
CA LEU A 108 -24.84 1.25 10.13
C LEU A 108 -25.42 -0.12 9.83
N LYS A 109 -24.86 -0.78 8.82
CA LYS A 109 -25.32 -2.11 8.42
C LYS A 109 -25.15 -3.10 9.55
N ALA A 110 -23.94 -3.18 10.09
CA ALA A 110 -23.65 -4.08 11.19
C ALA A 110 -24.55 -3.80 12.39
N GLY A 111 -24.80 -2.52 12.67
CA GLY A 111 -25.63 -2.17 13.80
C GLY A 111 -27.13 -2.28 13.58
N GLY A 112 -27.53 -2.73 12.40
CA GLY A 112 -28.95 -2.86 12.11
C GLY A 112 -29.69 -1.54 11.95
N ILE A 113 -29.00 -0.48 11.56
CA ILE A 113 -29.66 0.81 11.35
C ILE A 113 -30.03 0.82 9.87
N PRO A 114 -31.33 0.85 9.57
CA PRO A 114 -31.75 0.87 8.17
C PRO A 114 -31.33 2.10 7.39
N LEU A 115 -30.94 1.88 6.14
CA LEU A 115 -30.58 3.00 5.27
C LEU A 115 -31.89 3.55 4.74
N LYS A 116 -32.52 4.41 5.53
CA LYS A 116 -33.79 4.99 5.11
C LYS A 116 -33.67 6.50 5.25
N GLY A 117 -33.91 7.21 4.16
CA GLY A 117 -33.83 8.66 4.17
C GLY A 117 -35.20 9.28 4.29
N PRO A 118 -35.32 10.61 4.20
CA PRO A 118 -34.20 11.53 4.02
C PRO A 118 -33.26 11.48 5.22
N ALA A 119 -31.95 11.58 4.95
CA ALA A 119 -30.98 11.55 6.02
C ALA A 119 -30.47 12.96 6.22
N LEU A 120 -30.51 13.42 7.46
CA LEU A 120 -30.04 14.76 7.79
C LEU A 120 -28.71 14.66 8.52
N VAL A 121 -27.68 15.27 7.94
CA VAL A 121 -26.34 15.29 8.52
C VAL A 121 -26.18 16.65 9.17
N LEU A 122 -25.97 16.67 10.48
CA LEU A 122 -25.78 17.91 11.22
C LEU A 122 -24.30 18.19 11.23
N GLY A 123 -23.90 19.29 10.58
CA GLY A 123 -22.49 19.64 10.54
C GLY A 123 -21.95 19.47 9.14
N ALA A 124 -21.43 20.55 8.57
CA ALA A 124 -20.87 20.54 7.23
C ALA A 124 -19.36 20.60 7.32
N GLY A 125 -18.84 20.17 8.45
CA GLY A 125 -17.40 20.16 8.67
C GLY A 125 -16.78 18.90 8.09
N GLY A 126 -15.55 18.59 8.53
CA GLY A 126 -14.85 17.42 8.04
C GLY A 126 -15.59 16.10 8.16
N ALA A 127 -16.11 15.81 9.36
CA ALA A 127 -16.83 14.56 9.58
C ALA A 127 -18.14 14.59 8.81
N GLY A 128 -18.77 15.77 8.76
CA GLY A 128 -20.02 15.89 8.05
C GLY A 128 -19.85 15.58 6.57
N ARG A 129 -18.75 16.06 6.00
CA ARG A 129 -18.46 15.83 4.58
C ARG A 129 -18.28 14.34 4.31
N ALA A 130 -17.58 13.63 5.19
CA ALA A 130 -17.36 12.21 5.00
C ALA A 130 -18.67 11.43 5.09
N VAL A 131 -19.50 11.76 6.08
CA VAL A 131 -20.78 11.11 6.26
C VAL A 131 -21.72 11.45 5.10
N ALA A 132 -21.74 12.71 4.68
CA ALA A 132 -22.62 13.10 3.57
C ALA A 132 -22.20 12.36 2.32
N PHE A 133 -20.88 12.24 2.12
CA PHE A 133 -20.33 11.54 0.96
C PHE A 133 -20.82 10.09 0.96
N ALA A 134 -20.75 9.45 2.13
CA ALA A 134 -21.15 8.06 2.27
C ALA A 134 -22.64 7.85 1.99
N LEU A 135 -23.46 8.70 2.60
CA LEU A 135 -24.90 8.57 2.43
C LEU A 135 -25.33 8.87 1.01
N ARG A 136 -24.61 9.77 0.34
CA ARG A 136 -24.94 10.09 -1.05
C ARG A 136 -24.64 8.87 -1.92
N GLU A 137 -23.48 8.28 -1.68
CA GLU A 137 -23.04 7.09 -2.40
C GLU A 137 -24.05 5.95 -2.21
N ALA A 138 -24.59 5.85 -1.00
CA ALA A 138 -25.56 4.82 -0.69
C ALA A 138 -26.90 5.08 -1.38
N GLY A 139 -26.98 6.22 -2.06
CA GLY A 139 -28.20 6.56 -2.78
C GLY A 139 -29.37 7.18 -2.03
N LEU A 140 -29.15 7.64 -0.79
CA LEU A 140 -30.25 8.25 -0.06
C LEU A 140 -30.37 9.75 -0.38
N GLU A 141 -31.53 10.32 -0.09
CA GLU A 141 -31.72 11.75 -0.28
C GLU A 141 -31.02 12.32 0.96
N VAL A 142 -30.02 13.17 0.76
CA VAL A 142 -29.27 13.73 1.87
C VAL A 142 -29.44 15.23 2.08
N TRP A 143 -29.77 15.60 3.31
CA TRP A 143 -29.90 17.01 3.69
C TRP A 143 -28.73 17.34 4.62
N VAL A 144 -28.33 18.60 4.64
CA VAL A 144 -27.23 19.03 5.49
C VAL A 144 -27.54 20.37 6.14
N TRP A 145 -27.12 20.50 7.39
CA TRP A 145 -27.32 21.72 8.17
C TRP A 145 -25.99 22.07 8.80
N ASN A 146 -25.80 23.35 9.09
CA ASN A 146 -24.58 23.77 9.74
C ASN A 146 -24.89 25.05 10.49
N ARG A 147 -24.29 25.21 11.66
CA ARG A 147 -24.51 26.42 12.47
C ARG A 147 -24.28 27.62 11.57
N THR A 148 -23.23 27.55 10.75
CA THR A 148 -22.91 28.62 9.81
C THR A 148 -23.49 28.12 8.48
N PRO A 149 -24.57 28.77 7.99
CA PRO A 149 -25.26 28.42 6.74
C PRO A 149 -24.40 28.27 5.49
N GLN A 150 -23.47 29.18 5.27
CA GLN A 150 -22.63 29.12 4.07
C GLN A 150 -22.02 27.75 3.86
N ARG A 151 -21.39 27.21 4.89
CA ARG A 151 -20.73 25.91 4.79
C ARG A 151 -21.69 24.81 4.38
N ALA A 152 -22.92 24.86 4.88
CA ALA A 152 -23.93 23.86 4.53
C ALA A 152 -24.35 24.05 3.08
N LEU A 153 -24.58 25.30 2.70
CA LEU A 153 -24.99 25.62 1.34
C LEU A 153 -23.90 25.27 0.33
N ALA A 154 -22.65 25.56 0.67
CA ALA A 154 -21.54 25.25 -0.23
C ALA A 154 -21.44 23.73 -0.43
N LEU A 155 -21.50 22.98 0.68
CA LEU A 155 -21.42 21.52 0.61
C LEU A 155 -22.58 20.95 -0.21
N ALA A 156 -23.78 21.49 -0.03
CA ALA A 156 -24.95 21.04 -0.77
C ALA A 156 -24.77 21.18 -2.28
N GLU A 157 -24.14 22.29 -2.68
CA GLU A 157 -23.87 22.59 -4.08
C GLU A 157 -22.81 21.66 -4.62
N GLU A 158 -21.75 21.56 -3.84
CA GLU A 158 -20.61 20.74 -4.18
C GLU A 158 -20.96 19.26 -4.37
N PHE A 159 -21.75 18.69 -3.45
CA PHE A 159 -22.13 17.28 -3.51
C PHE A 159 -23.49 17.01 -4.13
N GLY A 160 -24.18 18.09 -4.53
CA GLY A 160 -25.49 17.91 -5.13
C GLY A 160 -26.53 17.50 -4.11
N LEU A 161 -26.43 18.08 -2.91
CA LEU A 161 -27.37 17.78 -1.84
C LEU A 161 -28.27 18.99 -1.57
N ARG A 162 -28.90 19.01 -0.41
CA ARG A 162 -29.79 20.11 -0.04
C ARG A 162 -29.50 20.64 1.37
N ALA A 163 -29.22 21.93 1.48
CA ALA A 163 -28.96 22.56 2.77
C ALA A 163 -30.33 22.89 3.35
N VAL A 164 -30.56 22.53 4.59
CA VAL A 164 -31.86 22.76 5.20
C VAL A 164 -31.78 23.39 6.58
N PRO A 165 -32.92 23.86 7.09
CA PRO A 165 -32.92 24.47 8.41
C PRO A 165 -33.10 23.34 9.44
N LEU A 166 -32.76 23.61 10.71
CA LEU A 166 -32.87 22.59 11.74
C LEU A 166 -34.25 21.98 11.84
N GLU A 167 -35.27 22.79 11.55
CA GLU A 167 -36.65 22.32 11.63
C GLU A 167 -36.94 21.12 10.75
N LYS A 168 -36.22 20.98 9.63
CA LYS A 168 -36.48 19.85 8.75
C LYS A 168 -36.08 18.52 9.39
N ALA A 169 -35.48 18.59 10.59
CA ALA A 169 -35.08 17.38 11.30
C ALA A 169 -36.31 16.51 11.54
N ARG A 170 -37.46 17.16 11.68
CA ARG A 170 -38.70 16.43 11.94
C ARG A 170 -39.10 15.53 10.78
N GLU A 171 -38.64 15.86 9.58
CA GLU A 171 -38.97 15.10 8.38
C GLU A 171 -37.86 14.13 7.96
N ALA A 172 -36.77 14.11 8.72
CA ALA A 172 -35.67 13.21 8.41
C ALA A 172 -35.95 11.86 9.05
N ARG A 173 -35.42 10.79 8.48
CA ARG A 173 -35.61 9.46 9.04
C ARG A 173 -34.29 8.88 9.57
N LEU A 174 -33.20 9.52 9.21
CA LEU A 174 -31.89 9.14 9.70
C LEU A 174 -31.21 10.45 10.08
N LEU A 175 -30.85 10.56 11.35
CA LEU A 175 -30.19 11.78 11.85
C LEU A 175 -28.77 11.45 12.26
N VAL A 176 -27.82 12.27 11.81
CA VAL A 176 -26.44 12.03 12.17
C VAL A 176 -25.77 13.27 12.73
N ASN A 177 -25.27 13.19 13.97
CA ASN A 177 -24.57 14.33 14.51
C ASN A 177 -23.11 14.24 14.12
N ALA A 178 -22.67 15.15 13.26
CA ALA A 178 -21.29 15.16 12.82
C ALA A 178 -20.63 16.43 13.33
N THR A 179 -21.27 17.08 14.31
CA THR A 179 -20.68 18.28 14.89
C THR A 179 -19.97 17.91 16.18
N ARG A 180 -19.23 18.85 16.74
CA ARG A 180 -18.51 18.65 18.01
C ARG A 180 -19.42 18.97 19.20
N VAL A 181 -20.66 19.38 18.93
CA VAL A 181 -21.55 19.70 20.04
C VAL A 181 -21.85 18.45 20.86
N GLY A 182 -21.63 18.52 22.17
CA GLY A 182 -21.89 17.39 23.03
C GLY A 182 -20.60 16.68 23.46
N LEU A 183 -19.49 17.02 22.80
CA LEU A 183 -18.21 16.41 23.12
C LEU A 183 -17.83 16.80 24.55
N GLU A 184 -17.75 15.82 25.44
CA GLU A 184 -17.39 16.08 26.83
C GLU A 184 -18.35 17.06 27.48
N ASP A 185 -19.57 17.15 26.96
CA ASP A 185 -20.57 18.06 27.50
C ASP A 185 -21.98 17.46 27.49
N PRO A 186 -22.35 16.74 28.55
CA PRO A 186 -23.69 16.14 28.62
C PRO A 186 -24.85 17.13 28.56
N SER A 187 -24.59 18.42 28.71
CA SER A 187 -25.68 19.39 28.67
C SER A 187 -25.97 19.96 27.28
N ALA A 188 -25.10 19.66 26.32
CA ALA A 188 -25.26 20.22 24.98
C ALA A 188 -25.62 19.22 23.89
N SER A 189 -26.49 19.66 22.99
CA SER A 189 -26.95 18.88 21.84
C SER A 189 -27.13 19.86 20.70
N PRO A 190 -26.80 19.43 19.47
CA PRO A 190 -26.93 20.27 18.27
C PRO A 190 -28.39 20.44 17.83
N LEU A 191 -29.27 19.59 18.34
CA LEU A 191 -30.67 19.63 17.95
C LEU A 191 -31.62 19.77 19.13
N PRO A 192 -32.49 20.79 19.12
CA PRO A 192 -33.42 20.96 20.24
C PRO A 192 -34.32 19.74 20.29
N ALA A 193 -34.61 19.28 21.51
CA ALA A 193 -35.45 18.10 21.69
C ALA A 193 -36.73 18.11 20.87
N GLU A 194 -37.40 19.25 20.83
CA GLU A 194 -38.67 19.36 20.13
C GLU A 194 -38.63 19.17 18.61
N LEU A 195 -37.44 19.16 18.03
CA LEU A 195 -37.33 19.00 16.57
C LEU A 195 -37.01 17.58 16.11
N PHE A 196 -36.79 16.67 17.05
CA PHE A 196 -36.50 15.27 16.72
C PHE A 196 -37.73 14.61 16.11
N PRO A 197 -37.53 13.76 15.10
CA PRO A 197 -38.70 13.11 14.52
C PRO A 197 -39.16 12.03 15.50
N GLU A 198 -40.32 11.42 15.26
CA GLU A 198 -40.81 10.39 16.17
C GLU A 198 -40.63 8.97 15.64
N GLU A 199 -39.94 8.86 14.52
CA GLU A 199 -39.67 7.56 13.91
C GLU A 199 -38.38 7.70 13.14
N GLY A 200 -37.60 6.62 13.09
CA GLY A 200 -36.35 6.66 12.37
C GLY A 200 -35.16 6.23 13.20
N ALA A 201 -33.99 6.77 12.88
CA ALA A 201 -32.76 6.40 13.59
C ALA A 201 -31.81 7.58 13.73
N ALA A 202 -31.01 7.55 14.78
CA ALA A 202 -30.05 8.60 15.07
C ALA A 202 -28.67 8.03 15.40
N VAL A 203 -27.62 8.64 14.84
CA VAL A 203 -26.25 8.20 15.09
C VAL A 203 -25.43 9.41 15.52
N ASP A 204 -24.59 9.23 16.54
CA ASP A 204 -23.75 10.32 17.01
C ASP A 204 -22.28 9.92 16.83
N LEU A 205 -21.51 10.76 16.13
CA LEU A 205 -20.11 10.46 15.91
C LEU A 205 -19.35 10.72 17.20
N VAL A 206 -19.90 11.58 18.06
CA VAL A 206 -19.25 11.88 19.33
C VAL A 206 -19.43 10.69 20.27
N TYR A 207 -18.35 10.21 20.87
CA TYR A 207 -18.46 9.08 21.80
C TYR A 207 -17.94 9.39 23.20
N ARG A 208 -17.73 10.67 23.49
CA ARG A 208 -17.30 11.11 24.82
C ARG A 208 -18.17 12.30 25.22
N PRO A 209 -19.20 12.07 26.04
CA PRO A 209 -19.65 10.79 26.62
C PRO A 209 -20.20 9.84 25.58
N LEU A 210 -20.40 8.60 25.98
CA LEU A 210 -20.91 7.58 25.07
C LEU A 210 -22.37 7.86 24.76
N TRP A 211 -23.16 8.09 25.79
CA TRP A 211 -24.56 8.40 25.61
C TRP A 211 -24.75 9.88 25.78
N THR A 212 -24.49 10.59 24.67
CA THR A 212 -24.60 12.04 24.59
C THR A 212 -26.02 12.51 24.78
N ARG A 213 -26.18 13.81 24.96
CA ARG A 213 -27.49 14.39 25.14
C ARG A 213 -28.30 14.09 23.89
N PHE A 214 -27.63 14.24 22.74
CA PHE A 214 -28.25 13.97 21.44
C PHE A 214 -28.84 12.56 21.38
N LEU A 215 -28.04 11.54 21.73
CA LEU A 215 -28.55 10.17 21.66
C LEU A 215 -29.65 9.90 22.68
N ARG A 216 -29.56 10.53 23.83
CA ARG A 216 -30.57 10.36 24.87
C ARG A 216 -31.90 10.98 24.41
N GLU A 217 -31.82 12.13 23.76
CA GLU A 217 -33.04 12.78 23.24
C GLU A 217 -33.67 11.87 22.17
N ALA A 218 -32.83 11.33 21.29
CA ALA A 218 -33.30 10.45 20.23
C ALA A 218 -33.94 9.18 20.80
N LYS A 219 -33.25 8.54 21.74
CA LYS A 219 -33.79 7.31 22.35
C LYS A 219 -35.11 7.58 23.04
N ALA A 220 -35.21 8.74 23.69
CA ALA A 220 -36.43 9.14 24.39
C ALA A 220 -37.60 9.25 23.40
N LYS A 221 -37.30 9.61 22.17
CA LYS A 221 -38.34 9.76 21.15
C LYS A 221 -38.66 8.44 20.45
N GLY A 222 -38.01 7.36 20.90
CA GLY A 222 -38.27 6.06 20.30
C GLY A 222 -37.47 5.74 19.05
N LEU A 223 -36.47 6.55 18.75
CA LEU A 223 -35.65 6.29 17.57
C LEU A 223 -34.59 5.22 17.87
N LYS A 224 -34.21 4.47 16.85
CA LYS A 224 -33.17 3.45 17.02
C LYS A 224 -31.87 4.26 17.10
N VAL A 225 -31.01 3.95 18.04
CA VAL A 225 -29.77 4.71 18.18
C VAL A 225 -28.48 3.91 18.09
N GLN A 226 -27.43 4.58 17.63
CA GLN A 226 -26.10 3.99 17.53
C GLN A 226 -25.11 5.04 18.02
N THR A 227 -24.17 4.59 18.85
CA THR A 227 -23.15 5.47 19.41
C THR A 227 -22.03 5.67 18.40
N GLY A 228 -20.99 6.38 18.80
CA GLY A 228 -19.89 6.62 17.89
C GLY A 228 -18.88 5.50 17.81
N LEU A 229 -18.98 4.51 18.69
CA LEU A 229 -17.99 3.43 18.66
C LEU A 229 -17.99 2.55 17.42
N PRO A 230 -19.16 2.08 16.96
CA PRO A 230 -19.16 1.25 15.75
C PRO A 230 -18.41 1.89 14.58
N MET A 231 -18.68 3.16 14.29
CA MET A 231 -18.00 3.83 13.20
C MET A 231 -16.49 3.89 13.45
N LEU A 232 -16.11 4.27 14.67
CA LEU A 232 -14.72 4.33 15.04
C LEU A 232 -14.04 2.99 14.80
N ALA A 233 -14.72 1.92 15.19
CA ALA A 233 -14.18 0.57 15.03
C ALA A 233 -14.02 0.16 13.56
N TRP A 234 -15.06 0.38 12.76
CA TRP A 234 -15.01 0.01 11.36
C TRP A 234 -13.99 0.81 10.54
N GLN A 235 -13.86 2.12 10.80
CA GLN A 235 -12.90 2.91 10.07
C GLN A 235 -11.51 2.39 10.41
N GLY A 236 -11.36 1.90 11.64
CA GLY A 236 -10.09 1.36 12.08
C GLY A 236 -9.81 0.01 11.44
N ALA A 237 -10.82 -0.86 11.44
CA ALA A 237 -10.71 -2.18 10.84
C ALA A 237 -10.34 -2.06 9.36
N LEU A 238 -11.06 -1.19 8.64
CA LEU A 238 -10.80 -0.99 7.21
C LEU A 238 -9.39 -0.43 7.00
N ALA A 239 -8.95 0.42 7.92
CA ALA A 239 -7.62 0.99 7.80
C ALA A 239 -6.60 -0.13 7.94
N PHE A 240 -6.84 -1.05 8.87
CA PHE A 240 -5.92 -2.16 9.10
C PHE A 240 -5.81 -3.03 7.84
N ARG A 241 -6.94 -3.23 7.16
CA ARG A 241 -6.91 -4.05 5.95
C ARG A 241 -6.11 -3.34 4.86
N LEU A 242 -6.29 -2.03 4.75
CA LEU A 242 -5.54 -1.26 3.76
C LEU A 242 -4.05 -1.49 3.97
N TRP A 243 -3.64 -1.52 5.24
CA TRP A 243 -2.23 -1.70 5.57
C TRP A 243 -1.68 -3.10 5.43
N THR A 244 -2.48 -4.11 5.76
CA THR A 244 -2.00 -5.49 5.73
C THR A 244 -2.70 -6.46 4.81
N GLY A 245 -3.93 -6.16 4.41
CA GLY A 245 -4.66 -7.07 3.56
C GLY A 245 -5.53 -7.97 4.42
N LEU A 246 -5.47 -7.77 5.73
CA LEU A 246 -6.27 -8.55 6.67
C LEU A 246 -7.32 -7.68 7.35
N LEU A 247 -8.52 -8.22 7.54
CA LEU A 247 -9.60 -7.46 8.17
C LEU A 247 -9.84 -7.93 9.61
N PRO A 248 -9.36 -7.18 10.60
CA PRO A 248 -9.59 -7.60 11.99
C PRO A 248 -11.08 -7.52 12.34
N ASP A 249 -11.50 -8.26 13.35
CA ASP A 249 -12.90 -8.27 13.75
C ASP A 249 -13.34 -6.91 14.26
N PRO A 250 -14.30 -6.27 13.56
CA PRO A 250 -14.80 -4.95 13.97
C PRO A 250 -15.48 -4.96 15.35
N SER A 251 -16.30 -5.98 15.62
CA SER A 251 -16.95 -6.06 16.92
C SER A 251 -15.89 -6.16 18.02
N GLY A 252 -14.81 -6.87 17.72
CA GLY A 252 -13.74 -7.02 18.68
C GLY A 252 -13.03 -5.69 18.94
N MET A 253 -12.78 -4.94 17.88
CA MET A 253 -12.12 -3.66 18.03
C MET A 253 -12.99 -2.67 18.81
N GLU A 254 -14.30 -2.72 18.57
CA GLU A 254 -15.24 -1.83 19.25
C GLU A 254 -15.18 -2.12 20.75
N GLU A 255 -15.28 -3.39 21.10
CA GLU A 255 -15.24 -3.79 22.50
C GLU A 255 -13.94 -3.31 23.12
N ALA A 256 -12.84 -3.53 22.40
CA ALA A 256 -11.53 -3.12 22.89
C ALA A 256 -11.52 -1.61 23.14
N ALA A 257 -12.19 -0.86 22.28
CA ALA A 257 -12.24 0.59 22.42
C ALA A 257 -13.07 0.95 23.65
N ARG A 258 -14.13 0.17 23.87
CA ARG A 258 -15.00 0.41 25.02
C ARG A 258 -14.20 0.18 26.30
N ARG A 259 -13.56 -0.97 26.39
CA ARG A 259 -12.75 -1.31 27.56
C ARG A 259 -11.74 -0.20 27.81
N ALA A 260 -11.18 0.35 26.73
CA ALA A 260 -10.19 1.41 26.83
C ALA A 260 -10.74 2.74 27.33
N LEU A 261 -12.04 2.95 27.20
CA LEU A 261 -12.66 4.19 27.66
C LEU A 261 -12.90 4.17 29.15
N GLY A 262 -13.13 2.97 29.68
CA GLY A 262 -13.50 2.80 31.08
C GLY A 262 -15.00 2.56 31.24
N MET B 1 -8.67 -14.40 3.52
CA MET B 1 -7.48 -15.19 3.09
C MET B 1 -6.66 -14.27 2.18
N LEU B 2 -5.33 -14.33 2.24
CA LEU B 2 -4.50 -13.45 1.38
C LEU B 2 -4.37 -14.13 0.03
N ARG B 3 -4.69 -13.40 -1.03
CA ARG B 3 -4.66 -13.96 -2.38
C ARG B 3 -3.57 -13.32 -3.25
N PHE B 4 -2.58 -14.12 -3.68
CA PHE B 4 -1.50 -13.62 -4.51
C PHE B 4 -1.33 -14.49 -5.75
N ALA B 5 -0.58 -13.97 -6.73
CA ALA B 5 -0.34 -14.69 -7.96
C ALA B 5 0.74 -14.07 -8.82
N VAL B 6 1.31 -14.89 -9.70
CA VAL B 6 2.32 -14.43 -10.63
C VAL B 6 1.66 -14.48 -12.00
N LEU B 7 1.62 -13.36 -12.69
CA LEU B 7 0.98 -13.31 -14.02
C LEU B 7 2.02 -13.20 -15.14
N GLY B 8 1.86 -14.04 -16.15
CA GLY B 8 2.78 -14.03 -17.28
C GLY B 8 2.57 -15.20 -18.23
N HIS B 9 3.39 -15.25 -19.27
CA HIS B 9 3.31 -16.25 -20.31
C HIS B 9 4.70 -16.61 -20.77
N PRO B 10 5.29 -17.74 -20.33
CA PRO B 10 4.78 -18.74 -19.40
C PRO B 10 5.06 -18.42 -17.94
N VAL B 11 4.57 -19.27 -17.05
CA VAL B 11 4.76 -19.11 -15.61
C VAL B 11 4.83 -20.49 -14.96
N ALA B 12 4.73 -21.54 -15.77
CA ALA B 12 4.76 -22.91 -15.26
C ALA B 12 6.04 -23.27 -14.52
N HIS B 13 7.10 -22.52 -14.77
CA HIS B 13 8.38 -22.79 -14.13
C HIS B 13 8.79 -21.70 -13.15
N SER B 14 7.93 -20.73 -12.93
CA SER B 14 8.22 -19.65 -12.01
C SER B 14 8.50 -20.25 -10.64
N LEU B 15 9.48 -19.70 -9.93
CA LEU B 15 9.80 -20.21 -8.60
C LEU B 15 9.05 -19.39 -7.55
N SER B 16 8.32 -18.37 -7.99
CA SER B 16 7.56 -17.50 -7.08
C SER B 16 6.55 -18.27 -6.23
N PRO B 17 5.79 -19.20 -6.84
CA PRO B 17 4.81 -19.93 -6.04
C PRO B 17 5.46 -20.63 -4.85
N ALA B 18 6.60 -21.27 -5.08
CA ALA B 18 7.32 -21.97 -4.02
C ALA B 18 7.84 -21.02 -2.94
N MET B 19 8.40 -19.89 -3.37
CA MET B 19 8.96 -18.91 -2.44
C MET B 19 7.90 -18.27 -1.54
N HIS B 20 6.81 -17.81 -2.14
CA HIS B 20 5.78 -17.15 -1.39
C HIS B 20 4.98 -18.12 -0.53
N ALA B 21 5.00 -19.40 -0.88
CA ALA B 21 4.32 -20.41 -0.07
C ALA B 21 5.11 -20.46 1.24
N PHE B 22 6.44 -20.32 1.12
CA PHE B 22 7.30 -20.32 2.30
C PHE B 22 7.06 -19.04 3.09
N ALA B 23 6.90 -17.92 2.37
CA ALA B 23 6.66 -16.65 3.03
C ALA B 23 5.40 -16.76 3.90
N LEU B 24 4.30 -17.17 3.28
CA LEU B 24 3.02 -17.33 3.97
C LEU B 24 3.13 -18.20 5.20
N GLU B 25 3.65 -19.41 5.02
CA GLU B 25 3.80 -20.38 6.10
C GLU B 25 4.72 -19.90 7.23
N SER B 26 5.93 -19.45 6.87
CA SER B 26 6.88 -19.00 7.87
C SER B 26 6.38 -17.79 8.64
N LEU B 27 5.50 -17.00 8.04
CA LEU B 27 4.97 -15.81 8.71
C LEU B 27 3.64 -16.09 9.39
N GLY B 28 3.25 -17.36 9.43
CA GLY B 28 1.99 -17.73 10.06
C GLY B 28 0.77 -17.05 9.45
N LEU B 29 0.80 -16.84 8.14
CA LEU B 29 -0.34 -16.20 7.47
C LEU B 29 -1.09 -17.19 6.60
N GLU B 30 -2.40 -17.00 6.48
CA GLU B 30 -3.22 -17.87 5.66
C GLU B 30 -3.45 -17.23 4.29
N GLY B 31 -3.19 -18.01 3.24
CA GLY B 31 -3.38 -17.48 1.91
C GLY B 31 -2.72 -18.35 0.87
N SER B 32 -2.67 -17.85 -0.36
CA SER B 32 -2.06 -18.62 -1.43
C SER B 32 -1.42 -17.74 -2.50
N TYR B 33 -0.48 -18.33 -3.22
CA TYR B 33 0.21 -17.66 -4.30
C TYR B 33 0.20 -18.68 -5.43
N GLU B 34 -0.54 -18.37 -6.47
CA GLU B 34 -0.66 -19.27 -7.61
C GLU B 34 -0.07 -18.68 -8.87
N ALA B 35 0.23 -19.54 -9.83
CA ALA B 35 0.76 -19.11 -11.10
C ALA B 35 -0.44 -19.03 -12.04
N TRP B 36 -0.64 -17.88 -12.65
CA TRP B 36 -1.77 -17.72 -13.57
C TRP B 36 -1.28 -17.33 -14.97
N ASP B 37 -1.28 -18.29 -15.88
CA ASP B 37 -0.84 -18.04 -17.25
C ASP B 37 -1.62 -16.87 -17.80
N THR B 38 -0.92 -15.81 -18.20
CA THR B 38 -1.59 -14.64 -18.71
C THR B 38 -0.93 -14.03 -19.94
N PRO B 39 -1.44 -14.36 -21.14
CA PRO B 39 -0.89 -13.84 -22.40
C PRO B 39 -1.19 -12.36 -22.46
N LEU B 40 -0.43 -11.61 -23.25
CA LEU B 40 -0.65 -10.17 -23.34
C LEU B 40 -2.10 -9.77 -23.65
N GLU B 41 -2.79 -10.55 -24.48
CA GLU B 41 -4.19 -10.27 -24.84
C GLU B 41 -5.03 -10.06 -23.59
N ALA B 42 -4.81 -10.96 -22.66
CA ALA B 42 -5.56 -11.03 -21.43
C ALA B 42 -5.17 -10.16 -20.24
N LEU B 43 -4.20 -9.26 -20.39
CA LEU B 43 -3.82 -8.43 -19.25
C LEU B 43 -5.01 -7.64 -18.69
N PRO B 44 -5.76 -6.93 -19.57
CA PRO B 44 -6.92 -6.13 -19.16
C PRO B 44 -7.92 -6.90 -18.30
N GLY B 45 -8.47 -7.96 -18.89
CA GLY B 45 -9.45 -8.76 -18.18
C GLY B 45 -8.86 -9.33 -16.90
N ARG B 46 -7.57 -9.63 -16.93
CA ARG B 46 -6.89 -10.19 -15.78
C ARG B 46 -6.73 -9.19 -14.65
N LEU B 47 -6.30 -7.98 -14.99
CA LEU B 47 -6.10 -6.94 -14.00
C LEU B 47 -7.41 -6.57 -13.30
N LYS B 48 -8.51 -6.63 -14.03
CA LYS B 48 -9.80 -6.30 -13.44
C LYS B 48 -10.16 -7.33 -12.38
N GLU B 49 -9.82 -8.58 -12.63
CA GLU B 49 -10.09 -9.66 -11.70
C GLU B 49 -9.17 -9.47 -10.49
N VAL B 50 -8.02 -8.82 -10.71
CA VAL B 50 -7.06 -8.54 -9.65
C VAL B 50 -7.63 -7.48 -8.71
N ARG B 51 -8.11 -6.37 -9.28
CA ARG B 51 -8.70 -5.28 -8.51
C ARG B 51 -9.80 -5.81 -7.60
N ARG B 52 -10.35 -6.95 -8.00
CA ARG B 52 -11.46 -7.57 -7.30
C ARG B 52 -11.18 -8.72 -6.35
N ALA B 53 -10.21 -9.58 -6.67
CA ALA B 53 -9.96 -10.73 -5.80
C ALA B 53 -8.54 -11.01 -5.34
N PHE B 54 -7.61 -10.11 -5.61
CA PHE B 54 -6.22 -10.32 -5.17
C PHE B 54 -5.64 -9.13 -4.42
N ARG B 55 -4.86 -9.42 -3.39
CA ARG B 55 -4.22 -8.37 -2.61
C ARG B 55 -3.06 -7.81 -3.43
N GLY B 56 -2.42 -8.69 -4.20
CA GLY B 56 -1.29 -8.27 -5.02
C GLY B 56 -0.83 -9.36 -5.96
N VAL B 57 -0.03 -8.97 -6.95
CA VAL B 57 0.47 -9.95 -7.91
C VAL B 57 1.84 -9.54 -8.44
N ASN B 58 2.58 -10.54 -8.91
CA ASN B 58 3.88 -10.29 -9.52
C ASN B 58 3.63 -10.35 -11.02
N LEU B 59 4.38 -9.57 -11.78
CA LEU B 59 4.23 -9.59 -13.23
C LEU B 59 5.54 -10.05 -13.83
N THR B 60 5.45 -10.97 -14.79
CA THR B 60 6.61 -11.49 -15.50
C THR B 60 6.29 -11.35 -16.99
N LEU B 61 7.24 -11.58 -17.88
CA LEU B 61 6.96 -11.43 -19.30
C LEU B 61 5.71 -12.18 -19.71
N PRO B 62 4.97 -11.66 -20.70
CA PRO B 62 5.29 -10.41 -21.39
C PRO B 62 4.41 -9.25 -20.95
N LEU B 63 4.07 -9.19 -19.67
CA LEU B 63 3.18 -8.15 -19.16
C LEU B 63 3.85 -7.00 -18.40
N LYS B 64 5.16 -7.07 -18.21
CA LYS B 64 5.86 -6.05 -17.44
C LYS B 64 5.83 -4.62 -17.98
N GLU B 65 5.62 -4.47 -19.28
CA GLU B 65 5.59 -3.14 -19.88
C GLU B 65 4.18 -2.60 -20.09
N ALA B 66 3.33 -3.40 -20.74
CA ALA B 66 1.96 -3.01 -21.04
C ALA B 66 1.06 -2.87 -19.80
N ALA B 67 1.64 -3.00 -18.62
CA ALA B 67 0.86 -2.90 -17.40
C ALA B 67 0.70 -1.46 -16.92
N LEU B 68 1.77 -0.69 -17.00
CA LEU B 68 1.76 0.69 -16.54
C LEU B 68 0.54 1.52 -16.95
N ALA B 69 0.18 1.49 -18.23
CA ALA B 69 -0.96 2.25 -18.71
C ALA B 69 -2.28 1.85 -18.03
N HIS B 70 -2.36 0.61 -17.56
CA HIS B 70 -3.57 0.11 -16.92
C HIS B 70 -3.66 0.36 -15.41
N LEU B 71 -2.57 0.81 -14.79
CA LEU B 71 -2.56 1.04 -13.35
C LEU B 71 -2.97 2.44 -12.93
N ASP B 72 -3.52 2.55 -11.73
CA ASP B 72 -3.95 3.83 -11.20
C ASP B 72 -2.77 4.68 -10.77
N TRP B 73 -1.65 4.03 -10.48
CA TRP B 73 -0.46 4.74 -10.04
C TRP B 73 0.77 3.86 -10.27
N VAL B 74 1.82 4.44 -10.83
CA VAL B 74 3.05 3.71 -11.09
C VAL B 74 4.20 4.43 -10.42
N SER B 75 5.00 3.68 -9.67
CA SER B 75 6.13 4.27 -8.98
C SER B 75 7.04 4.91 -10.00
N PRO B 76 7.86 5.88 -9.57
CA PRO B 76 8.82 6.64 -10.37
C PRO B 76 9.81 5.68 -11.00
N GLU B 77 10.47 4.92 -10.14
CA GLU B 77 11.44 3.94 -10.58
C GLU B 77 10.83 3.05 -11.66
N ALA B 78 9.66 2.51 -11.36
CA ALA B 78 8.98 1.65 -12.33
C ALA B 78 8.65 2.46 -13.59
N GLN B 79 8.48 3.77 -13.43
CA GLN B 79 8.15 4.67 -14.54
C GLN B 79 9.37 4.81 -15.45
N ARG B 80 10.51 5.08 -14.83
CA ARG B 80 11.77 5.26 -15.53
C ARG B 80 12.28 3.94 -16.13
N ILE B 81 12.15 2.85 -15.37
CA ILE B 81 12.59 1.55 -15.86
C ILE B 81 11.65 1.15 -16.99
N GLY B 82 10.39 1.54 -16.87
CA GLY B 82 9.41 1.21 -17.88
C GLY B 82 8.84 -0.18 -17.69
N ALA B 83 9.00 -0.74 -16.50
CA ALA B 83 8.49 -2.06 -16.22
C ALA B 83 7.99 -2.18 -14.78
N VAL B 84 6.94 -2.98 -14.60
CA VAL B 84 6.37 -3.22 -13.29
C VAL B 84 6.33 -4.73 -13.05
N ASN B 85 6.90 -5.16 -11.93
CA ASN B 85 6.93 -6.58 -11.58
C ASN B 85 6.04 -6.85 -10.36
N THR B 86 5.63 -5.79 -9.69
CA THR B 86 4.80 -5.92 -8.50
C THR B 86 3.62 -4.97 -8.47
N VAL B 87 2.42 -5.55 -8.37
CA VAL B 87 1.19 -4.79 -8.32
C VAL B 87 0.49 -5.00 -6.99
N LEU B 88 0.06 -3.90 -6.37
CA LEU B 88 -0.65 -3.90 -5.09
C LEU B 88 -2.08 -3.44 -5.29
N GLN B 89 -3.04 -4.16 -4.69
CA GLN B 89 -4.46 -3.81 -4.81
C GLN B 89 -5.03 -3.35 -3.48
N VAL B 90 -5.56 -2.14 -3.47
CA VAL B 90 -6.13 -1.54 -2.28
C VAL B 90 -7.37 -0.76 -2.69
N GLU B 91 -8.50 -1.07 -2.05
CA GLU B 91 -9.76 -0.40 -2.36
C GLU B 91 -10.10 -0.45 -3.85
N GLY B 92 -9.77 -1.56 -4.48
CA GLY B 92 -10.06 -1.70 -5.91
C GLY B 92 -9.08 -0.96 -6.81
N ARG B 93 -8.15 -0.21 -6.21
CA ARG B 93 -7.17 0.52 -7.00
C ARG B 93 -5.90 -0.33 -7.15
N LEU B 94 -5.19 -0.14 -8.25
CA LEU B 94 -3.96 -0.88 -8.51
C LEU B 94 -2.76 0.04 -8.55
N PHE B 95 -1.71 -0.34 -7.84
CA PHE B 95 -0.46 0.42 -7.77
C PHE B 95 0.68 -0.46 -8.28
N GLY B 96 1.55 0.11 -9.12
CA GLY B 96 2.66 -0.65 -9.65
C GLY B 96 4.03 -0.25 -9.14
N PHE B 97 4.87 -1.26 -8.87
CA PHE B 97 6.23 -1.02 -8.38
C PHE B 97 7.22 -1.96 -9.06
N ASN B 98 8.50 -1.72 -8.85
CA ASN B 98 9.53 -2.60 -9.40
C ASN B 98 10.45 -3.01 -8.26
N THR B 99 10.29 -4.25 -7.78
CA THR B 99 11.12 -4.74 -6.68
C THR B 99 12.44 -5.36 -7.15
N ASP B 100 12.63 -5.46 -8.46
CA ASP B 100 13.86 -6.01 -9.02
C ASP B 100 15.05 -5.09 -8.76
N ALA B 101 14.87 -3.80 -9.04
CA ALA B 101 15.94 -2.84 -8.81
C ALA B 101 16.42 -2.89 -7.36
N PRO B 102 15.51 -2.63 -6.39
CA PRO B 102 15.97 -2.68 -5.00
C PRO B 102 16.32 -4.09 -4.54
N GLY B 103 15.67 -5.10 -5.13
CA GLY B 103 15.97 -6.47 -4.74
C GLY B 103 17.39 -6.82 -5.16
N PHE B 104 17.78 -6.37 -6.34
CA PHE B 104 19.11 -6.63 -6.83
C PHE B 104 20.14 -6.05 -5.86
N LEU B 105 19.97 -4.78 -5.50
CA LEU B 105 20.89 -4.12 -4.58
C LEU B 105 20.98 -4.81 -3.22
N GLU B 106 19.83 -5.14 -2.65
CA GLU B 106 19.81 -5.77 -1.34
C GLU B 106 20.44 -7.16 -1.36
N ALA B 107 20.35 -7.85 -2.50
CA ALA B 107 20.96 -9.16 -2.63
C ALA B 107 22.48 -9.01 -2.60
N LEU B 108 23.00 -8.03 -3.34
CA LEU B 108 24.43 -7.78 -3.35
C LEU B 108 24.90 -7.49 -1.93
N LYS B 109 24.28 -6.51 -1.30
CA LYS B 109 24.63 -6.13 0.06
C LYS B 109 24.65 -7.33 1.00
N ALA B 110 23.56 -8.08 1.03
CA ALA B 110 23.44 -9.24 1.90
C ALA B 110 24.41 -10.34 1.55
N GLY B 111 24.90 -10.33 0.31
CA GLY B 111 25.82 -11.36 -0.13
C GLY B 111 27.28 -11.00 0.06
N GLY B 112 27.55 -9.74 0.38
CA GLY B 112 28.93 -9.31 0.58
C GLY B 112 29.42 -8.39 -0.51
N ILE B 113 29.11 -8.73 -1.76
CA ILE B 113 29.51 -7.94 -2.91
C ILE B 113 29.38 -6.45 -2.63
N PRO B 114 30.50 -5.74 -2.59
CA PRO B 114 30.44 -4.29 -2.32
C PRO B 114 29.99 -3.55 -3.56
N LEU B 115 29.24 -2.47 -3.34
CA LEU B 115 28.83 -1.68 -4.48
C LEU B 115 29.98 -0.80 -5.00
N LYS B 116 31.23 -1.36 -4.89
CA LYS B 116 32.41 -0.69 -5.42
C LYS B 116 32.39 -0.68 -6.95
N GLY B 117 32.21 0.47 -7.60
CA GLY B 117 32.27 0.49 -9.06
C GLY B 117 33.71 0.60 -9.55
N PRO B 118 33.95 0.79 -10.86
CA PRO B 118 32.94 0.94 -11.91
C PRO B 118 32.27 -0.40 -12.13
N ALA B 119 30.98 -0.37 -12.47
CA ALA B 119 30.22 -1.59 -12.70
C ALA B 119 29.74 -1.64 -14.14
N LEU B 120 29.86 -2.80 -14.76
CA LEU B 120 29.43 -2.95 -16.14
C LEU B 120 28.25 -3.93 -16.27
N VAL B 121 27.18 -3.46 -16.89
CA VAL B 121 26.01 -4.29 -17.11
C VAL B 121 25.98 -4.77 -18.55
N LEU B 122 26.02 -6.09 -18.72
CA LEU B 122 25.99 -6.70 -20.04
C LEU B 122 24.54 -6.95 -20.42
N GLY B 123 24.04 -6.19 -21.40
CA GLY B 123 22.67 -6.34 -21.83
C GLY B 123 21.86 -5.09 -21.53
N ALA B 124 21.26 -4.51 -22.56
CA ALA B 124 20.47 -3.30 -22.41
C ALA B 124 18.99 -3.60 -22.54
N GLY B 125 18.63 -4.87 -22.38
CA GLY B 125 17.23 -5.26 -22.48
C GLY B 125 16.50 -5.01 -21.18
N GLY B 126 15.32 -5.58 -21.03
CA GLY B 126 14.55 -5.39 -19.82
C GLY B 126 15.35 -5.60 -18.54
N ALA B 127 16.00 -6.75 -18.46
CA ALA B 127 16.81 -7.09 -17.28
C ALA B 127 17.92 -6.09 -17.02
N GLY B 128 18.63 -5.72 -18.08
CA GLY B 128 19.72 -4.77 -17.93
C GLY B 128 19.27 -3.40 -17.45
N ARG B 129 18.10 -2.98 -17.92
CA ARG B 129 17.57 -1.67 -17.53
C ARG B 129 17.37 -1.57 -16.02
N ALA B 130 16.66 -2.54 -15.46
CA ALA B 130 16.39 -2.55 -14.02
C ALA B 130 17.69 -2.48 -13.22
N VAL B 131 18.67 -3.27 -13.62
CA VAL B 131 19.96 -3.31 -12.95
C VAL B 131 20.77 -2.04 -13.14
N ALA B 132 20.79 -1.52 -14.36
CA ALA B 132 21.54 -0.31 -14.62
C ALA B 132 20.96 0.80 -13.74
N PHE B 133 19.64 0.89 -13.74
CA PHE B 133 18.95 1.90 -12.93
C PHE B 133 19.34 1.84 -11.46
N ALA B 134 19.21 0.65 -10.87
CA ALA B 134 19.52 0.44 -9.45
C ALA B 134 20.95 0.79 -9.05
N LEU B 135 21.91 0.50 -9.92
CA LEU B 135 23.31 0.72 -9.61
C LEU B 135 23.82 2.16 -9.49
N ARG B 136 23.26 3.09 -10.26
CA ARG B 136 23.70 4.47 -10.16
C ARG B 136 23.09 5.09 -8.91
N GLU B 137 21.79 4.92 -8.73
CA GLU B 137 21.09 5.45 -7.57
C GLU B 137 21.86 5.04 -6.32
N ALA B 138 22.51 3.88 -6.41
CA ALA B 138 23.30 3.33 -5.32
C ALA B 138 24.56 4.16 -5.06
N GLY B 139 24.99 4.91 -6.06
CA GLY B 139 26.16 5.77 -5.88
C GLY B 139 27.52 5.31 -6.39
N LEU B 140 27.54 4.62 -7.52
CA LEU B 140 28.80 4.16 -8.13
C LEU B 140 28.74 4.42 -9.65
N GLU B 141 29.89 4.40 -10.32
CA GLU B 141 29.98 4.65 -11.76
C GLU B 141 29.48 3.43 -12.55
N VAL B 142 28.63 3.65 -13.56
CA VAL B 142 28.05 2.52 -14.32
C VAL B 142 28.14 2.52 -15.85
N TRP B 143 28.76 1.48 -16.41
CA TRP B 143 28.88 1.34 -17.87
C TRP B 143 27.92 0.26 -18.38
N VAL B 144 27.48 0.40 -19.63
CA VAL B 144 26.57 -0.57 -20.22
C VAL B 144 27.07 -1.06 -21.57
N TRP B 145 26.83 -2.33 -21.86
CA TRP B 145 27.22 -2.94 -23.11
C TRP B 145 26.03 -3.72 -23.64
N ASN B 146 26.04 -4.01 -24.94
CA ASN B 146 24.96 -4.76 -25.57
C ASN B 146 25.50 -5.24 -26.91
N ARG B 147 25.12 -6.43 -27.35
CA ARG B 147 25.63 -6.92 -28.63
C ARG B 147 25.29 -5.97 -29.76
N THR B 148 24.16 -5.29 -29.64
CA THR B 148 23.77 -4.30 -30.64
C THR B 148 24.10 -2.96 -29.96
N PRO B 149 25.26 -2.38 -30.30
CA PRO B 149 25.73 -1.10 -29.74
C PRO B 149 24.68 -0.04 -29.48
N GLN B 150 23.75 0.14 -30.42
CA GLN B 150 22.71 1.13 -30.31
C GLN B 150 21.91 1.06 -29.02
N ARG B 151 21.32 -0.10 -28.77
CA ARG B 151 20.49 -0.30 -27.60
C ARG B 151 21.23 0.10 -26.35
N ALA B 152 22.56 0.11 -26.43
CA ALA B 152 23.39 0.46 -25.29
C ALA B 152 23.61 1.96 -25.17
N LEU B 153 24.08 2.59 -26.25
CA LEU B 153 24.31 4.04 -26.25
C LEU B 153 23.05 4.80 -25.86
N ALA B 154 21.90 4.34 -26.34
CA ALA B 154 20.63 4.97 -26.02
C ALA B 154 20.30 4.89 -24.54
N LEU B 155 20.71 3.79 -23.91
CA LEU B 155 20.44 3.59 -22.49
C LEU B 155 21.38 4.47 -21.66
N ALA B 156 22.58 4.69 -22.18
CA ALA B 156 23.56 5.51 -21.49
C ALA B 156 23.04 6.94 -21.42
N GLU B 157 22.24 7.32 -22.41
CA GLU B 157 21.68 8.67 -22.45
C GLU B 157 20.43 8.78 -21.60
N GLU B 158 19.47 7.90 -21.84
CA GLU B 158 18.22 7.90 -21.10
C GLU B 158 18.42 7.79 -19.59
N PHE B 159 19.40 7.00 -19.17
CA PHE B 159 19.66 6.80 -17.74
C PHE B 159 20.92 7.50 -17.25
N GLY B 160 21.62 8.20 -18.15
CA GLY B 160 22.84 8.87 -17.76
C GLY B 160 23.95 7.89 -17.42
N LEU B 161 24.24 7.00 -18.36
CA LEU B 161 25.27 5.98 -18.20
C LEU B 161 26.31 6.16 -19.30
N ARG B 162 27.14 5.14 -19.50
CA ARG B 162 28.18 5.19 -20.52
C ARG B 162 28.32 3.86 -21.24
N ALA B 163 28.03 3.85 -22.54
CA ALA B 163 28.15 2.63 -23.33
C ALA B 163 29.62 2.35 -23.60
N VAL B 164 30.05 1.12 -23.37
CA VAL B 164 31.44 0.75 -23.58
C VAL B 164 31.59 -0.51 -24.42
N PRO B 165 32.79 -0.76 -24.95
CA PRO B 165 33.03 -1.95 -25.76
C PRO B 165 33.25 -3.10 -24.78
N LEU B 166 33.06 -4.33 -25.23
CA LEU B 166 33.21 -5.49 -24.36
C LEU B 166 34.56 -5.49 -23.64
N GLU B 167 35.62 -5.04 -24.31
CA GLU B 167 36.96 -5.00 -23.72
C GLU B 167 37.00 -4.26 -22.39
N LYS B 168 36.16 -3.24 -22.23
CA LYS B 168 36.12 -2.47 -21.00
C LYS B 168 35.85 -3.31 -19.76
N ALA B 169 35.22 -4.45 -19.96
CA ALA B 169 34.91 -5.34 -18.84
C ALA B 169 36.13 -5.52 -17.94
N ARG B 170 37.32 -5.52 -18.51
CA ARG B 170 38.53 -5.69 -17.71
C ARG B 170 38.74 -4.60 -16.66
N GLU B 171 38.33 -3.38 -16.99
CA GLU B 171 38.48 -2.25 -16.07
C GLU B 171 37.35 -2.13 -15.05
N ALA B 172 36.35 -3.00 -15.13
CA ALA B 172 35.23 -2.95 -14.20
C ALA B 172 35.50 -3.70 -12.92
N ARG B 173 34.83 -3.31 -11.85
CA ARG B 173 35.02 -3.98 -10.59
C ARG B 173 33.73 -4.72 -10.20
N LEU B 174 32.67 -4.48 -10.96
CA LEU B 174 31.38 -5.14 -10.76
C LEU B 174 30.81 -5.54 -12.12
N LEU B 175 30.73 -6.84 -12.36
CA LEU B 175 30.21 -7.36 -13.61
C LEU B 175 28.84 -7.99 -13.42
N VAL B 176 27.90 -7.63 -14.28
CA VAL B 176 26.54 -8.16 -14.21
C VAL B 176 26.04 -8.66 -15.55
N ASN B 177 25.75 -9.96 -15.65
CA ASN B 177 25.23 -10.50 -16.88
C ASN B 177 23.71 -10.35 -16.93
N ALA B 178 23.24 -9.47 -17.81
CA ALA B 178 21.82 -9.24 -17.97
C ALA B 178 21.34 -9.78 -19.31
N THR B 179 22.12 -10.67 -19.89
CA THR B 179 21.78 -11.28 -21.18
C THR B 179 21.26 -12.69 -20.96
N ARG B 180 20.64 -13.27 -21.98
CA ARG B 180 20.13 -14.64 -21.89
C ARG B 180 21.21 -15.63 -22.25
N VAL B 181 22.42 -15.15 -22.43
CA VAL B 181 23.52 -16.02 -22.77
C VAL B 181 23.87 -16.89 -21.57
N GLY B 182 23.91 -18.20 -21.78
CA GLY B 182 24.24 -19.11 -20.69
C GLY B 182 23.02 -19.83 -20.16
N LEU B 183 21.84 -19.30 -20.46
CA LEU B 183 20.57 -19.89 -20.02
C LEU B 183 20.43 -21.30 -20.59
N GLU B 184 20.52 -22.31 -19.73
CA GLU B 184 20.41 -23.71 -20.17
C GLU B 184 21.47 -24.01 -21.21
N ASP B 185 22.64 -23.40 -21.04
CA ASP B 185 23.75 -23.57 -21.96
C ASP B 185 25.02 -23.47 -21.13
N PRO B 186 25.33 -24.52 -20.38
CA PRO B 186 26.51 -24.62 -19.51
C PRO B 186 27.83 -24.14 -20.11
N SER B 187 28.02 -24.34 -21.41
CA SER B 187 29.27 -23.93 -22.03
C SER B 187 29.25 -22.57 -22.71
N ALA B 188 28.17 -21.82 -22.55
CA ALA B 188 28.07 -20.50 -23.17
C ALA B 188 28.13 -19.35 -22.16
N SER B 189 28.87 -18.31 -22.52
CA SER B 189 29.04 -17.11 -21.70
C SER B 189 29.10 -15.91 -22.63
N PRO B 190 28.61 -14.75 -22.17
CA PRO B 190 28.66 -13.57 -23.03
C PRO B 190 30.01 -12.86 -22.99
N LEU B 191 30.84 -13.21 -22.01
CA LEU B 191 32.14 -12.59 -21.84
C LEU B 191 33.34 -13.54 -21.87
N PRO B 192 34.22 -13.40 -22.85
CA PRO B 192 35.41 -14.25 -22.99
C PRO B 192 36.31 -14.12 -21.76
N ALA B 193 36.76 -15.26 -21.23
CA ALA B 193 37.60 -15.28 -20.03
C ALA B 193 38.69 -14.21 -20.05
N GLU B 194 39.28 -13.99 -21.22
CA GLU B 194 40.35 -13.02 -21.37
C GLU B 194 39.94 -11.58 -21.10
N LEU B 195 38.65 -11.28 -21.17
CA LEU B 195 38.19 -9.92 -20.93
C LEU B 195 37.69 -9.74 -19.50
N PHE B 196 37.86 -10.77 -18.67
CA PHE B 196 37.42 -10.70 -17.30
C PHE B 196 38.21 -9.75 -16.43
N PRO B 197 37.52 -8.99 -15.59
CA PRO B 197 38.17 -8.03 -14.71
C PRO B 197 39.35 -8.60 -13.94
N GLU B 198 40.19 -7.66 -13.54
CA GLU B 198 41.42 -7.91 -12.82
C GLU B 198 41.08 -8.20 -11.36
N GLU B 199 40.30 -7.32 -10.76
CA GLU B 199 39.85 -7.44 -9.37
C GLU B 199 38.34 -7.25 -9.39
N GLY B 200 37.64 -7.56 -8.29
CA GLY B 200 36.21 -7.34 -8.28
C GLY B 200 35.23 -8.47 -8.04
N ALA B 201 34.05 -8.33 -8.63
CA ALA B 201 32.99 -9.31 -8.47
C ALA B 201 32.05 -9.39 -9.67
N ALA B 202 31.42 -10.56 -9.84
CA ALA B 202 30.49 -10.77 -10.93
C ALA B 202 29.20 -11.38 -10.41
N VAL B 203 28.09 -11.02 -11.05
CA VAL B 203 26.79 -11.53 -10.69
C VAL B 203 26.07 -11.90 -11.97
N ASP B 204 25.46 -13.08 -11.96
CA ASP B 204 24.74 -13.54 -13.14
C ASP B 204 23.25 -13.59 -12.79
N LEU B 205 22.41 -13.01 -13.64
CA LEU B 205 20.97 -13.02 -13.39
C LEU B 205 20.33 -14.31 -13.89
N VAL B 206 21.09 -15.10 -14.63
CA VAL B 206 20.58 -16.37 -15.14
C VAL B 206 20.81 -17.40 -14.03
N TYR B 207 19.76 -18.11 -13.63
CA TYR B 207 19.89 -19.12 -12.58
C TYR B 207 19.62 -20.55 -13.04
N ARG B 208 19.57 -20.75 -14.36
CA ARG B 208 19.37 -22.08 -14.94
C ARG B 208 20.35 -22.25 -16.08
N PRO B 209 21.48 -22.96 -15.84
CA PRO B 209 21.88 -23.61 -14.60
C PRO B 209 22.24 -22.54 -13.57
N LEU B 210 22.45 -22.96 -12.33
CA LEU B 210 22.79 -22.06 -11.23
C LEU B 210 24.23 -21.54 -11.41
N TRP B 211 25.15 -22.45 -11.68
CA TRP B 211 26.54 -22.08 -11.90
C TRP B 211 26.85 -22.07 -13.38
N THR B 212 26.58 -20.93 -14.01
CA THR B 212 26.78 -20.71 -15.43
C THR B 212 28.26 -20.65 -15.78
N ARG B 213 28.59 -20.70 -17.07
CA ARG B 213 29.99 -20.65 -17.48
C ARG B 213 30.55 -19.29 -17.04
N PHE B 214 29.71 -18.26 -17.16
CA PHE B 214 30.07 -16.89 -16.78
C PHE B 214 30.58 -16.85 -15.34
N LEU B 215 29.80 -17.42 -14.41
CA LEU B 215 30.18 -17.43 -13.00
C LEU B 215 31.40 -18.30 -12.74
N ARG B 216 31.47 -19.44 -13.40
CA ARG B 216 32.61 -20.32 -13.24
C ARG B 216 33.87 -19.60 -13.72
N GLU B 217 33.79 -18.94 -14.88
CA GLU B 217 34.94 -18.21 -15.40
C GLU B 217 35.36 -17.13 -14.39
N ALA B 218 34.41 -16.28 -14.03
CA ALA B 218 34.63 -15.19 -13.06
C ALA B 218 35.32 -15.68 -11.79
N LYS B 219 34.87 -16.81 -11.29
CA LYS B 219 35.43 -17.38 -10.08
C LYS B 219 36.87 -17.86 -10.26
N ALA B 220 37.11 -18.54 -11.38
CA ALA B 220 38.45 -19.04 -11.70
C ALA B 220 39.44 -17.88 -11.71
N LYS B 221 38.97 -16.72 -12.18
CA LYS B 221 39.81 -15.52 -12.24
C LYS B 221 40.07 -14.87 -10.90
N GLY B 222 39.29 -15.24 -9.89
CA GLY B 222 39.49 -14.67 -8.56
C GLY B 222 38.47 -13.63 -8.14
N LEU B 223 37.41 -13.47 -8.93
CA LEU B 223 36.36 -12.50 -8.61
C LEU B 223 35.35 -13.13 -7.64
N LYS B 224 34.72 -12.30 -6.80
CA LYS B 224 33.70 -12.81 -5.88
C LYS B 224 32.52 -13.02 -6.81
N VAL B 225 31.65 -13.98 -6.52
CA VAL B 225 30.52 -14.19 -7.40
C VAL B 225 29.21 -14.41 -6.64
N GLN B 226 28.11 -14.17 -7.33
CA GLN B 226 26.79 -14.36 -6.75
C GLN B 226 25.89 -14.91 -7.85
N THR B 227 25.12 -15.94 -7.52
CA THR B 227 24.21 -16.52 -8.49
C THR B 227 23.03 -15.57 -8.63
N GLY B 228 22.05 -15.98 -9.44
CA GLY B 228 20.88 -15.15 -9.63
C GLY B 228 19.77 -15.37 -8.62
N LEU B 229 19.94 -16.34 -7.72
CA LEU B 229 18.89 -16.62 -6.74
C LEU B 229 18.72 -15.56 -5.65
N PRO B 230 19.83 -14.98 -5.14
CA PRO B 230 19.65 -13.96 -4.11
C PRO B 230 18.76 -12.81 -4.58
N MET B 231 18.95 -12.39 -5.84
CA MET B 231 18.14 -11.31 -6.37
C MET B 231 16.69 -11.76 -6.45
N LEU B 232 16.48 -12.97 -6.93
CA LEU B 232 15.13 -13.52 -7.05
C LEU B 232 14.45 -13.52 -5.69
N ALA B 233 15.17 -14.00 -4.67
CA ALA B 233 14.64 -14.08 -3.31
C ALA B 233 14.28 -12.73 -2.71
N TRP B 234 15.16 -11.74 -2.89
CA TRP B 234 14.89 -10.42 -2.36
C TRP B 234 13.77 -9.66 -3.07
N GLN B 235 13.70 -9.74 -4.40
CA GLN B 235 12.61 -9.01 -5.07
C GLN B 235 11.29 -9.62 -4.59
N GLY B 236 11.31 -10.91 -4.29
CA GLY B 236 10.12 -11.60 -3.82
C GLY B 236 9.76 -11.23 -2.39
N ALA B 237 10.78 -11.17 -1.52
CA ALA B 237 10.56 -10.79 -0.14
C ALA B 237 10.10 -9.33 -0.06
N LEU B 238 10.68 -8.48 -0.90
CA LEU B 238 10.31 -7.07 -0.93
C LEU B 238 8.89 -6.91 -1.45
N ALA B 239 8.51 -7.76 -2.40
CA ALA B 239 7.16 -7.72 -2.94
C ALA B 239 6.17 -8.09 -1.84
N PHE B 240 6.50 -9.14 -1.09
CA PHE B 240 5.64 -9.59 0.01
C PHE B 240 5.49 -8.50 1.07
N ARG B 241 6.60 -7.83 1.42
CA ARG B 241 6.57 -6.76 2.41
C ARG B 241 5.64 -5.67 1.90
N LEU B 242 5.74 -5.40 0.61
CA LEU B 242 4.95 -4.39 -0.05
C LEU B 242 3.45 -4.69 0.09
N TRP B 243 3.07 -5.95 -0.09
CA TRP B 243 1.67 -6.34 0.02
C TRP B 243 1.14 -6.42 1.44
N THR B 244 1.98 -6.87 2.37
CA THR B 244 1.53 -7.06 3.74
C THR B 244 2.21 -6.22 4.83
N GLY B 245 3.42 -5.77 4.56
CA GLY B 245 4.15 -5.01 5.56
C GLY B 245 5.10 -5.92 6.31
N LEU B 246 5.06 -7.22 6.02
CA LEU B 246 5.94 -8.17 6.68
C LEU B 246 6.98 -8.69 5.69
N LEU B 247 8.23 -8.74 6.10
CA LEU B 247 9.32 -9.20 5.24
C LEU B 247 9.70 -10.65 5.52
N PRO B 248 9.41 -11.56 4.59
CA PRO B 248 9.78 -12.95 4.85
C PRO B 248 11.32 -13.07 4.77
N ASP B 249 11.88 -14.08 5.44
CA ASP B 249 13.31 -14.30 5.46
C ASP B 249 13.84 -14.54 4.03
N PRO B 250 14.60 -13.59 3.49
CA PRO B 250 15.14 -13.74 2.13
C PRO B 250 15.97 -15.01 1.95
N SER B 251 16.67 -15.42 3.01
CA SER B 251 17.48 -16.62 2.96
C SER B 251 16.55 -17.82 2.78
N GLY B 252 15.42 -17.78 3.48
CA GLY B 252 14.44 -18.86 3.37
C GLY B 252 13.80 -18.87 2.00
N MET B 253 13.59 -17.68 1.44
CA MET B 253 13.01 -17.56 0.11
C MET B 253 13.96 -18.23 -0.90
N GLU B 254 15.25 -18.00 -0.74
CA GLU B 254 16.23 -18.59 -1.64
C GLU B 254 16.24 -20.11 -1.51
N GLU B 255 16.18 -20.60 -0.28
CA GLU B 255 16.18 -22.04 -0.04
C GLU B 255 14.98 -22.70 -0.73
N ALA B 256 13.82 -22.05 -0.63
CA ALA B 256 12.61 -22.57 -1.23
C ALA B 256 12.78 -22.67 -2.74
N ALA B 257 13.41 -21.64 -3.32
CA ALA B 257 13.65 -21.65 -4.76
C ALA B 257 14.60 -22.77 -5.13
N ARG B 258 15.65 -22.93 -4.33
CA ARG B 258 16.65 -23.97 -4.56
C ARG B 258 16.01 -25.34 -4.59
N ARG B 259 15.17 -25.61 -3.60
CA ARG B 259 14.48 -26.88 -3.52
C ARG B 259 13.55 -27.07 -4.72
N ALA B 260 12.88 -26.00 -5.11
CA ALA B 260 11.99 -26.05 -6.27
C ALA B 260 12.81 -26.33 -7.52
N LEU B 261 14.04 -25.84 -7.54
CA LEU B 261 14.95 -26.06 -8.68
C LEU B 261 15.49 -27.50 -8.65
N GLY B 262 15.59 -28.06 -7.45
CA GLY B 262 16.08 -29.42 -7.30
C GLY B 262 17.60 -29.51 -7.31
N VAL B 263 18.28 -28.36 -7.20
CA VAL B 263 19.74 -28.33 -7.20
C VAL B 263 20.28 -27.64 -5.95
#